data_3OA3
#
_entry.id   3OA3
#
_cell.length_a   47.690
_cell.length_b   80.810
_cell.length_c   71.670
_cell.angle_alpha   90.000
_cell.angle_beta   102.990
_cell.angle_gamma   90.000
#
_symmetry.space_group_name_H-M   'P 1 21 1'
#
loop_
_entity.id
_entity.type
_entity.pdbx_description
1 polymer aldolase
2 non-polymer 'ACETATE ION'
3 water water
#
_entity_poly.entity_id   1
_entity_poly.type   'polypeptide(L)'
_entity_poly.pdbx_seq_one_letter_code
;MAHHHHHHMGTLEAQTQGPGSMSSLNNEEWDLLISGKKATLQYPIPLLCYPAPEVVSIAQIIDHTQLSLSATGSQIDVLC
AEAKEYGFATVCVRPDYVSRAVQYLQGTQVGVTCVIGFHEGTYSTDQKVSEAKRAMQNGASELDMVMNYPWLSEKRYTDV
FQDIRAVRLAAKDAILKVILETSQLTADEIIAGCVLSSLAGADYVKTSTGFNGPGASIENVSLMSAVCDSLQSETRVKAS
GGIRTIEDCVKMVRAGAERLGASAGVKIVNETRLGNRQVDEPMEPTNY
;
_entity_poly.pdbx_strand_id   A,B
#
loop_
_chem_comp.id
_chem_comp.type
_chem_comp.name
_chem_comp.formula
ACT non-polymer 'ACETATE ION' 'C2 H3 O2 -1'
#
# COMPACT_ATOMS: atom_id res chain seq x y z
N MET A 22 11.97 -29.73 6.72
CA MET A 22 11.83 -28.29 7.08
C MET A 22 10.41 -27.91 7.53
N SER A 23 9.39 -28.31 6.76
CA SER A 23 7.99 -28.01 7.10
C SER A 23 7.52 -28.68 8.40
N SER A 24 8.23 -29.72 8.82
CA SER A 24 7.90 -30.48 10.03
C SER A 24 8.21 -29.72 11.34
N LEU A 25 9.18 -28.81 11.29
CA LEU A 25 9.77 -28.23 12.52
C LEU A 25 8.87 -27.25 13.32
N ASN A 26 8.85 -27.42 14.66
CA ASN A 26 8.23 -26.43 15.56
C ASN A 26 9.22 -25.28 15.86
N ASN A 27 8.80 -24.26 16.61
CA ASN A 27 9.66 -23.08 16.85
C ASN A 27 10.97 -23.39 17.61
N GLU A 28 10.88 -24.29 18.60
CA GLU A 28 12.06 -24.73 19.36
C GLU A 28 13.07 -25.50 18.47
N GLU A 29 12.56 -26.37 17.59
CA GLU A 29 13.40 -27.09 16.62
C GLU A 29 14.09 -26.14 15.61
N TRP A 30 13.37 -25.13 15.12
CA TRP A 30 13.99 -24.07 14.28
C TRP A 30 15.12 -23.33 15.05
N ASP A 31 14.87 -22.99 16.31
CA ASP A 31 15.86 -22.28 17.16
C ASP A 31 17.17 -23.09 17.29
N LEU A 32 17.04 -24.40 17.52
CA LEU A 32 18.20 -25.31 17.61
C LEU A 32 18.96 -25.44 16.29
N LEU A 33 18.23 -25.53 15.17
CA LEU A 33 18.84 -25.60 13.84
CA LEU A 33 18.86 -25.61 13.85
C LEU A 33 19.66 -24.33 13.54
N ILE A 34 19.05 -23.17 13.79
CA ILE A 34 19.71 -21.87 13.56
C ILE A 34 20.98 -21.70 14.41
N SER A 35 20.91 -22.06 15.70
CA SER A 35 22.07 -21.98 16.63
CA SER A 35 22.09 -21.93 16.58
C SER A 35 23.22 -22.85 16.13
N GLY A 36 22.87 -24.02 15.60
CA GLY A 36 23.84 -24.93 14.98
C GLY A 36 24.57 -24.32 13.79
N LYS A 37 23.84 -23.60 12.94
CA LYS A 37 24.45 -22.90 11.79
C LYS A 37 25.36 -21.76 12.26
N LYS A 38 24.95 -20.98 13.27
CA LYS A 38 25.81 -19.91 13.84
C LYS A 38 27.16 -20.47 14.34
N ALA A 39 27.11 -21.66 14.93
CA ALA A 39 28.30 -22.31 15.53
C ALA A 39 29.39 -22.66 14.51
N THR A 40 29.05 -22.72 13.22
CA THR A 40 30.01 -23.01 12.14
CA THR A 40 30.06 -23.02 12.19
C THR A 40 30.75 -21.78 11.60
N LEU A 41 30.29 -20.59 11.96
CA LEU A 41 30.85 -19.33 11.42
C LEU A 41 32.16 -18.91 12.10
N GLN A 42 33.08 -18.33 11.32
CA GLN A 42 34.31 -17.75 11.84
C GLN A 42 34.06 -16.34 12.41
N TYR A 43 34.41 -16.12 13.69
CA TYR A 43 34.32 -14.78 14.32
C TYR A 43 35.71 -14.27 14.74
N PRO A 44 35.96 -12.96 14.56
CA PRO A 44 35.08 -11.94 13.94
C PRO A 44 34.81 -12.26 12.45
N ILE A 45 33.60 -11.93 11.97
CA ILE A 45 33.20 -12.20 10.58
CA ILE A 45 33.21 -12.21 10.57
C ILE A 45 34.20 -11.57 9.58
N PRO A 46 34.76 -12.39 8.66
CA PRO A 46 35.70 -11.80 7.68
C PRO A 46 35.01 -10.87 6.68
N LEU A 47 35.61 -9.70 6.46
CA LEU A 47 35.01 -8.65 5.63
C LEU A 47 35.69 -8.47 4.29
N LEU A 48 34.90 -8.19 3.25
CA LEU A 48 35.41 -7.84 1.90
C LEU A 48 36.20 -8.99 1.23
N CYS A 49 35.62 -10.18 1.26
CA CYS A 49 36.29 -11.40 0.80
C CYS A 49 36.35 -11.61 -0.72
N TYR A 50 35.47 -10.95 -1.48
CA TYR A 50 35.23 -11.29 -2.88
C TYR A 50 35.88 -10.31 -3.87
N PRO A 51 36.13 -10.74 -5.13
CA PRO A 51 36.77 -9.81 -6.07
C PRO A 51 35.93 -8.60 -6.50
N ALA A 52 36.60 -7.54 -6.90
CA ALA A 52 35.96 -6.34 -7.47
C ALA A 52 35.22 -6.66 -8.78
N PRO A 53 34.12 -5.92 -9.07
CA PRO A 53 33.44 -6.12 -10.35
C PRO A 53 34.19 -5.44 -11.50
N GLU A 54 33.90 -5.84 -12.74
CA GLU A 54 34.36 -5.10 -13.91
C GLU A 54 33.50 -3.85 -14.08
N VAL A 55 34.07 -2.67 -13.78
CA VAL A 55 33.27 -1.44 -13.68
C VAL A 55 32.58 -1.01 -14.97
N VAL A 56 33.22 -1.22 -16.13
CA VAL A 56 32.58 -0.85 -17.40
C VAL A 56 31.26 -1.58 -17.70
N SER A 57 31.07 -2.77 -17.08
CA SER A 57 29.89 -3.61 -17.28
CA SER A 57 29.86 -3.55 -17.31
C SER A 57 28.93 -3.60 -16.09
N ILE A 58 29.08 -2.62 -15.20
CA ILE A 58 28.31 -2.57 -13.94
C ILE A 58 26.78 -2.55 -14.13
N ALA A 59 26.31 -2.02 -15.25
CA ALA A 59 24.85 -1.96 -15.50
C ALA A 59 24.16 -3.32 -15.41
N GLN A 60 24.85 -4.39 -15.84
CA GLN A 60 24.30 -5.74 -15.92
CA GLN A 60 24.22 -5.70 -15.92
C GLN A 60 23.88 -6.36 -14.58
N ILE A 61 24.36 -5.77 -13.47
CA ILE A 61 23.98 -6.23 -12.11
C ILE A 61 23.08 -5.26 -11.31
N ILE A 62 22.59 -4.21 -11.96
CA ILE A 62 21.71 -3.19 -11.31
C ILE A 62 20.20 -3.37 -11.63
N ASP A 63 19.37 -3.39 -10.57
CA ASP A 63 17.91 -3.27 -10.67
C ASP A 63 17.54 -1.76 -10.58
N HIS A 64 17.10 -1.17 -11.71
CA HIS A 64 16.87 0.29 -11.87
C HIS A 64 15.47 0.66 -11.32
N THR A 65 15.45 1.43 -10.22
CA THR A 65 14.28 1.48 -9.32
C THR A 65 13.56 2.85 -9.21
N GLN A 66 12.21 2.82 -9.25
CA GLN A 66 11.36 4.00 -8.95
C GLN A 66 10.11 3.53 -8.20
N LEU A 67 10.07 3.80 -6.90
CA LEU A 67 8.97 3.34 -6.00
C LEU A 67 8.25 4.46 -5.25
N SER A 68 8.53 5.73 -5.56
CA SER A 68 7.83 6.86 -4.91
CA SER A 68 7.83 6.84 -4.91
CA SER A 68 7.82 6.84 -4.89
C SER A 68 6.32 6.77 -5.15
N LEU A 69 5.53 7.05 -4.11
CA LEU A 69 4.05 7.04 -4.27
C LEU A 69 3.59 8.02 -5.38
N SER A 70 4.26 9.17 -5.44
CA SER A 70 3.92 10.23 -6.40
C SER A 70 4.31 10.00 -7.88
N ALA A 71 5.12 8.98 -8.16
CA ALA A 71 5.65 8.73 -9.52
C ALA A 71 4.52 8.59 -10.56
N THR A 72 4.61 9.36 -11.66
CA THR A 72 3.59 9.34 -12.75
C THR A 72 3.90 8.31 -13.85
N GLY A 73 2.93 8.04 -14.73
CA GLY A 73 3.16 7.19 -15.91
C GLY A 73 4.33 7.65 -16.78
N SER A 74 4.44 8.97 -17.00
CA SER A 74 5.57 9.53 -17.78
C SER A 74 6.94 9.26 -17.13
N GLN A 75 7.01 9.33 -15.80
CA GLN A 75 8.25 9.01 -15.07
C GLN A 75 8.62 7.54 -15.21
N ILE A 76 7.63 6.66 -15.17
CA ILE A 76 7.86 5.22 -15.44
C ILE A 76 8.34 4.95 -16.88
N ASP A 77 7.77 5.66 -17.86
CA ASP A 77 8.24 5.56 -19.24
C ASP A 77 9.74 5.92 -19.37
N VAL A 78 10.16 6.99 -18.69
CA VAL A 78 11.59 7.42 -18.69
C VAL A 78 12.51 6.35 -18.03
N LEU A 79 12.08 5.80 -16.89
CA LEU A 79 12.79 4.69 -16.24
C LEU A 79 13.05 3.51 -17.21
N CYS A 80 11.99 3.11 -17.94
CA CYS A 80 12.08 2.02 -18.92
C CYS A 80 13.00 2.35 -20.12
N ALA A 81 12.92 3.58 -20.64
CA ALA A 81 13.82 4.02 -21.72
C ALA A 81 15.30 3.96 -21.31
N GLU A 82 15.59 4.42 -20.08
CA GLU A 82 16.96 4.40 -19.52
C GLU A 82 17.48 2.95 -19.39
N ALA A 83 16.62 2.02 -18.93
CA ALA A 83 17.02 0.61 -18.79
C ALA A 83 17.34 -0.07 -20.13
N LYS A 84 16.52 0.20 -21.15
CA LYS A 84 16.77 -0.29 -22.53
C LYS A 84 18.10 0.25 -23.09
N GLU A 85 18.36 1.53 -22.87
CA GLU A 85 19.58 2.23 -23.34
C GLU A 85 20.87 1.72 -22.69
N TYR A 86 20.88 1.66 -21.36
CA TYR A 86 22.08 1.30 -20.57
C TYR A 86 22.26 -0.23 -20.39
N GLY A 87 21.21 -1.00 -20.65
CA GLY A 87 21.21 -2.44 -20.36
C GLY A 87 21.24 -2.87 -18.89
N PHE A 88 20.41 -2.23 -18.06
CA PHE A 88 20.25 -2.67 -16.65
C PHE A 88 19.59 -4.07 -16.60
N ALA A 89 19.82 -4.81 -15.52
CA ALA A 89 19.24 -6.19 -15.39
C ALA A 89 17.70 -6.20 -15.46
N THR A 90 17.08 -5.33 -14.64
CA THR A 90 15.61 -5.17 -14.59
C THR A 90 15.26 -3.70 -14.27
N VAL A 91 13.98 -3.34 -14.48
CA VAL A 91 13.36 -2.20 -13.76
C VAL A 91 12.59 -2.73 -12.55
N CYS A 92 12.51 -1.94 -11.47
CA CYS A 92 11.78 -2.35 -10.25
CA CYS A 92 11.81 -2.30 -10.22
C CYS A 92 10.69 -1.31 -9.93
N VAL A 93 9.43 -1.80 -9.89
CA VAL A 93 8.21 -0.95 -9.79
C VAL A 93 7.12 -1.55 -8.86
N ARG A 94 6.10 -0.75 -8.53
CA ARG A 94 4.95 -1.21 -7.75
C ARG A 94 3.91 -2.00 -8.61
N PRO A 95 3.06 -2.84 -7.97
CA PRO A 95 2.06 -3.67 -8.74
C PRO A 95 1.25 -2.96 -9.84
N ASP A 96 0.81 -1.72 -9.59
CA ASP A 96 -0.01 -1.01 -10.58
C ASP A 96 0.73 -0.48 -11.84
N TYR A 97 2.06 -0.62 -11.89
CA TYR A 97 2.86 -0.23 -13.06
C TYR A 97 3.51 -1.43 -13.80
N VAL A 98 3.27 -2.68 -13.34
CA VAL A 98 3.86 -3.88 -13.99
C VAL A 98 3.47 -4.03 -15.49
N SER A 99 2.17 -3.95 -15.79
CA SER A 99 1.66 -4.08 -17.16
CA SER A 99 1.69 -4.12 -17.18
C SER A 99 2.25 -3.05 -18.13
N ARG A 100 2.31 -1.78 -17.70
CA ARG A 100 2.91 -0.67 -18.49
C ARG A 100 4.40 -0.95 -18.81
N ALA A 101 5.16 -1.37 -17.81
CA ALA A 101 6.60 -1.64 -17.95
C ALA A 101 6.88 -2.85 -18.86
N VAL A 102 6.12 -3.94 -18.68
CA VAL A 102 6.20 -5.12 -19.56
C VAL A 102 5.94 -4.77 -21.05
N GLN A 103 4.91 -3.97 -21.31
CA GLN A 103 4.63 -3.50 -22.68
C GLN A 103 5.79 -2.68 -23.26
N TYR A 104 6.32 -1.75 -22.47
CA TYR A 104 7.40 -0.87 -22.91
C TYR A 104 8.66 -1.66 -23.32
N LEU A 105 8.95 -2.73 -22.57
CA LEU A 105 10.20 -3.49 -22.74
C LEU A 105 10.13 -4.75 -23.64
N GLN A 106 9.03 -4.93 -24.36
CA GLN A 106 8.92 -6.07 -25.29
C GLN A 106 10.05 -6.07 -26.32
N GLY A 107 10.62 -7.25 -26.57
CA GLY A 107 11.69 -7.42 -27.55
C GLY A 107 13.11 -7.19 -27.03
N THR A 108 13.22 -6.77 -25.76
CA THR A 108 14.52 -6.52 -25.14
C THR A 108 14.91 -7.63 -24.16
N GLN A 109 16.10 -7.53 -23.59
CA GLN A 109 16.54 -8.48 -22.55
C GLN A 109 16.36 -7.93 -21.12
N VAL A 110 15.61 -6.84 -20.96
CA VAL A 110 15.39 -6.22 -19.64
C VAL A 110 14.15 -6.85 -18.97
N GLY A 111 14.32 -7.39 -17.75
CA GLY A 111 13.18 -7.95 -16.99
C GLY A 111 12.41 -6.92 -16.17
N VAL A 112 11.31 -7.34 -15.54
CA VAL A 112 10.49 -6.50 -14.64
C VAL A 112 10.40 -7.16 -13.25
N THR A 113 10.87 -6.43 -12.23
CA THR A 113 10.77 -6.83 -10.81
C THR A 113 9.59 -6.08 -10.15
N CYS A 114 8.67 -6.82 -9.52
CA CYS A 114 7.53 -6.22 -8.76
C CYS A 114 7.78 -6.36 -7.25
N VAL A 115 7.56 -5.26 -6.50
CA VAL A 115 7.61 -5.34 -5.01
C VAL A 115 6.30 -5.94 -4.40
N ILE A 116 6.44 -6.77 -3.35
CA ILE A 116 5.30 -7.51 -2.74
C ILE A 116 5.24 -7.27 -1.22
N GLY A 117 4.05 -6.92 -0.70
CA GLY A 117 3.90 -6.56 0.74
C GLY A 117 4.74 -5.35 1.18
N PHE A 118 4.87 -4.37 0.29
CA PHE A 118 5.85 -3.25 0.40
C PHE A 118 5.19 -1.96 0.92
N HIS A 119 5.82 -1.19 1.81
CA HIS A 119 7.14 -1.44 2.46
C HIS A 119 7.07 -2.14 3.84
N GLU A 120 5.86 -2.23 4.40
CA GLU A 120 5.67 -2.58 5.83
C GLU A 120 5.98 -4.05 6.20
N GLY A 121 5.74 -4.99 5.29
CA GLY A 121 5.98 -6.41 5.59
C GLY A 121 4.92 -7.14 6.42
N THR A 122 3.96 -6.40 6.99
CA THR A 122 2.98 -6.98 7.94
C THR A 122 1.62 -7.30 7.29
N TYR A 123 1.50 -7.04 5.98
CA TYR A 123 0.35 -7.54 5.18
C TYR A 123 0.18 -9.05 5.40
N SER A 124 -1.06 -9.52 5.50
CA SER A 124 -1.34 -10.97 5.68
C SER A 124 -0.74 -11.81 4.55
N THR A 125 -0.48 -13.08 4.84
CA THR A 125 -0.07 -14.04 3.79
C THR A 125 -1.05 -14.09 2.60
N ASP A 126 -2.37 -14.09 2.87
CA ASP A 126 -3.37 -14.08 1.78
C ASP A 126 -3.24 -12.88 0.82
N GLN A 127 -2.95 -11.70 1.36
CA GLN A 127 -2.72 -10.50 0.53
C GLN A 127 -1.43 -10.59 -0.30
N LYS A 128 -0.34 -11.06 0.32
CA LYS A 128 0.95 -11.24 -0.40
C LYS A 128 0.82 -12.23 -1.59
N VAL A 129 0.10 -13.34 -1.36
CA VAL A 129 -0.17 -14.35 -2.41
C VAL A 129 -1.00 -13.77 -3.59
N SER A 130 -2.06 -13.01 -3.27
CA SER A 130 -2.88 -12.34 -4.30
CA SER A 130 -2.87 -12.36 -4.30
C SER A 130 -2.03 -11.42 -5.18
N GLU A 131 -1.17 -10.60 -4.55
CA GLU A 131 -0.23 -9.72 -5.29
C GLU A 131 0.76 -10.48 -6.18
N ALA A 132 1.34 -11.56 -5.66
CA ALA A 132 2.31 -12.38 -6.41
C ALA A 132 1.67 -12.98 -7.67
N LYS A 133 0.47 -13.53 -7.53
CA LYS A 133 -0.24 -14.15 -8.66
C LYS A 133 -0.56 -13.11 -9.76
N ARG A 134 -1.07 -11.95 -9.35
CA ARG A 134 -1.37 -10.85 -10.31
C ARG A 134 -0.12 -10.36 -11.06
N ALA A 135 0.99 -10.20 -10.33
CA ALA A 135 2.25 -9.76 -10.98
C ALA A 135 2.76 -10.73 -12.05
N MET A 136 2.73 -12.03 -11.75
CA MET A 136 3.16 -13.04 -12.74
C MET A 136 2.22 -13.08 -13.95
N GLN A 137 0.91 -12.96 -13.71
CA GLN A 137 -0.08 -12.90 -14.79
CA GLN A 137 -0.04 -12.93 -14.83
C GLN A 137 0.16 -11.70 -15.71
N ASN A 138 0.62 -10.59 -15.11
CA ASN A 138 0.93 -9.35 -15.86
C ASN A 138 2.32 -9.36 -16.56
N GLY A 139 3.10 -10.43 -16.38
CA GLY A 139 4.39 -10.59 -17.09
C GLY A 139 5.70 -10.30 -16.35
N ALA A 140 5.63 -10.10 -15.02
CA ALA A 140 6.84 -9.91 -14.22
C ALA A 140 7.77 -11.14 -14.30
N SER A 141 9.08 -10.92 -14.22
CA SER A 141 10.05 -12.02 -14.19
CA SER A 141 10.06 -12.01 -14.20
C SER A 141 10.64 -12.26 -12.80
N GLU A 142 10.58 -11.25 -11.93
CA GLU A 142 11.15 -11.32 -10.54
C GLU A 142 10.21 -10.67 -9.51
N LEU A 143 10.28 -11.13 -8.25
CA LEU A 143 9.46 -10.58 -7.14
C LEU A 143 10.38 -10.26 -5.95
N ASP A 144 10.31 -9.03 -5.41
CA ASP A 144 11.04 -8.65 -4.16
C ASP A 144 9.99 -8.48 -3.03
N MET A 145 9.82 -9.50 -2.17
CA MET A 145 8.82 -9.46 -1.07
C MET A 145 9.46 -8.97 0.23
N VAL A 146 8.70 -8.27 1.08
CA VAL A 146 9.17 -7.87 2.42
C VAL A 146 8.83 -8.96 3.46
N MET A 147 9.84 -9.46 4.21
CA MET A 147 9.62 -10.40 5.35
C MET A 147 8.73 -9.75 6.42
N ASN A 148 7.92 -10.57 7.12
CA ASN A 148 7.24 -10.13 8.36
C ASN A 148 8.29 -10.12 9.50
N TYR A 149 9.12 -9.08 9.49
CA TYR A 149 10.26 -9.00 10.42
C TYR A 149 9.88 -8.82 11.91
N PRO A 150 8.70 -8.22 12.22
CA PRO A 150 8.31 -8.29 13.65
C PRO A 150 8.12 -9.72 14.18
N TRP A 151 7.55 -10.63 13.38
CA TRP A 151 7.43 -12.05 13.79
C TRP A 151 8.82 -12.67 14.01
N LEU A 152 9.77 -12.29 13.14
CA LEU A 152 11.13 -12.80 13.22
C LEU A 152 11.75 -12.48 14.59
N SER A 153 11.56 -11.24 15.07
CA SER A 153 12.08 -10.79 16.37
CA SER A 153 12.09 -10.81 16.36
C SER A 153 11.42 -11.50 17.56
N GLU A 154 10.13 -11.85 17.41
CA GLU A 154 9.37 -12.60 18.42
C GLU A 154 9.65 -14.12 18.43
N LYS A 155 10.48 -14.60 17.50
CA LYS A 155 10.76 -16.03 17.28
C LYS A 155 9.53 -16.87 16.91
N ARG A 156 8.62 -16.25 16.16
CA ARG A 156 7.48 -16.94 15.53
C ARG A 156 7.94 -17.54 14.18
N TYR A 157 8.85 -18.51 14.28
CA TYR A 157 9.60 -19.01 13.13
C TYR A 157 8.72 -19.80 12.14
N THR A 158 7.75 -20.57 12.64
CA THR A 158 6.84 -21.30 11.75
C THR A 158 5.96 -20.36 10.91
N ASP A 159 5.56 -19.22 11.49
CA ASP A 159 4.79 -18.19 10.78
C ASP A 159 5.63 -17.52 9.68
N VAL A 160 6.88 -17.16 9.98
CA VAL A 160 7.80 -16.56 8.96
C VAL A 160 8.04 -17.53 7.78
N PHE A 161 8.32 -18.80 8.11
CA PHE A 161 8.56 -19.84 7.11
C PHE A 161 7.35 -20.06 6.17
N GLN A 162 6.16 -20.19 6.77
CA GLN A 162 4.95 -20.44 5.98
C GLN A 162 4.59 -19.25 5.06
N ASP A 163 4.82 -18.03 5.53
CA ASP A 163 4.59 -16.80 4.75
C ASP A 163 5.45 -16.78 3.45
N ILE A 164 6.74 -17.08 3.60
CA ILE A 164 7.65 -17.19 2.42
C ILE A 164 7.31 -18.38 1.50
N ARG A 165 7.05 -19.55 2.08
CA ARG A 165 6.69 -20.76 1.29
CA ARG A 165 6.70 -20.75 1.30
C ARG A 165 5.46 -20.53 0.42
N ALA A 166 4.46 -19.83 0.97
CA ALA A 166 3.21 -19.58 0.22
C ALA A 166 3.44 -18.74 -1.04
N VAL A 167 4.26 -17.69 -0.91
CA VAL A 167 4.63 -16.86 -2.08
C VAL A 167 5.46 -17.69 -3.08
N ARG A 168 6.44 -18.46 -2.58
CA ARG A 168 7.30 -19.31 -3.43
C ARG A 168 6.49 -20.28 -4.31
N LEU A 169 5.46 -20.90 -3.72
CA LEU A 169 4.60 -21.87 -4.43
C LEU A 169 3.58 -21.23 -5.38
N ALA A 170 3.17 -19.99 -5.08
CA ALA A 170 2.25 -19.24 -5.94
C ALA A 170 2.94 -18.71 -7.21
N ALA A 171 4.27 -18.58 -7.16
CA ALA A 171 5.09 -18.03 -8.26
C ALA A 171 6.35 -18.88 -8.52
N LYS A 172 6.15 -20.13 -8.92
CA LYS A 172 7.26 -21.11 -9.06
C LYS A 172 8.36 -20.72 -10.06
N ASP A 173 7.99 -19.94 -11.09
CA ASP A 173 8.91 -19.56 -12.16
CA ASP A 173 8.89 -19.55 -12.17
C ASP A 173 9.63 -18.22 -11.95
N ALA A 174 9.29 -17.48 -10.90
CA ALA A 174 9.97 -16.20 -10.62
C ALA A 174 11.37 -16.37 -10.00
N ILE A 175 12.23 -15.37 -10.21
CA ILE A 175 13.37 -15.15 -9.30
CA ILE A 175 13.37 -15.16 -9.30
C ILE A 175 12.77 -14.46 -8.06
N LEU A 176 12.83 -15.13 -6.89
CA LEU A 176 12.24 -14.61 -5.63
C LEU A 176 13.32 -14.07 -4.68
N LYS A 177 13.19 -12.77 -4.32
CA LYS A 177 14.11 -12.13 -3.34
C LYS A 177 13.31 -11.76 -2.06
N VAL A 178 13.90 -11.99 -0.87
CA VAL A 178 13.24 -11.67 0.43
C VAL A 178 13.98 -10.53 1.16
N ILE A 179 13.31 -9.40 1.35
CA ILE A 179 13.87 -8.20 2.05
C ILE A 179 13.80 -8.35 3.60
N LEU A 180 14.95 -8.36 4.28
CA LEU A 180 14.99 -8.53 5.74
C LEU A 180 14.62 -7.26 6.55
N GLU A 181 14.94 -6.08 5.98
CA GLU A 181 14.97 -4.77 6.70
C GLU A 181 15.97 -4.76 7.87
N THR A 182 17.27 -4.83 7.50
CA THR A 182 18.38 -4.97 8.46
C THR A 182 18.45 -3.86 9.51
N SER A 183 17.96 -2.66 9.17
CA SER A 183 17.89 -1.53 10.13
C SER A 183 17.12 -1.83 11.42
N GLN A 184 16.24 -2.83 11.37
CA GLN A 184 15.36 -3.19 12.49
C GLN A 184 15.79 -4.49 13.22
N LEU A 185 16.96 -5.04 12.85
CA LEU A 185 17.38 -6.38 13.32
C LEU A 185 18.78 -6.43 13.96
N THR A 186 18.95 -7.35 14.92
CA THR A 186 20.28 -7.72 15.44
C THR A 186 20.99 -8.71 14.48
N ALA A 187 22.29 -8.94 14.70
CA ALA A 187 23.01 -9.94 13.89
C ALA A 187 22.43 -11.36 14.04
N ASP A 188 22.07 -11.76 15.27
CA ASP A 188 21.40 -13.06 15.51
C ASP A 188 20.10 -13.21 14.69
N GLU A 189 19.31 -12.13 14.64
CA GLU A 189 18.04 -12.09 13.86
C GLU A 189 18.31 -12.15 12.32
N ILE A 190 19.35 -11.47 11.85
CA ILE A 190 19.78 -11.57 10.44
C ILE A 190 20.17 -13.03 10.06
N ILE A 191 20.94 -13.72 10.91
CA ILE A 191 21.26 -15.15 10.69
C ILE A 191 19.97 -15.99 10.54
N ALA A 192 19.04 -15.84 11.49
CA ALA A 192 17.75 -16.55 11.43
C ALA A 192 16.98 -16.27 10.13
N GLY A 193 16.91 -15.01 9.75
CA GLY A 193 16.23 -14.61 8.50
C GLY A 193 16.83 -15.22 7.23
N CYS A 194 18.17 -15.28 7.16
CA CYS A 194 18.87 -15.93 6.01
C CYS A 194 18.57 -17.44 5.94
N VAL A 195 18.63 -18.11 7.09
CA VAL A 195 18.38 -19.57 7.15
C VAL A 195 16.94 -19.92 6.72
N LEU A 196 15.95 -19.22 7.29
CA LEU A 196 14.53 -19.46 6.93
C LEU A 196 14.23 -19.14 5.46
N SER A 197 14.76 -18.04 4.95
CA SER A 197 14.55 -17.68 3.54
C SER A 197 15.13 -18.71 2.56
N SER A 198 16.37 -19.13 2.82
CA SER A 198 17.06 -20.09 1.94
C SER A 198 16.36 -21.47 1.93
N LEU A 199 16.00 -21.96 3.12
CA LEU A 199 15.36 -23.29 3.21
C LEU A 199 13.92 -23.30 2.67
N ALA A 200 13.28 -22.14 2.60
CA ALA A 200 11.96 -21.99 1.99
C ALA A 200 12.00 -21.93 0.44
N GLY A 201 13.20 -21.77 -0.13
CA GLY A 201 13.36 -21.73 -1.59
C GLY A 201 13.66 -20.38 -2.25
N ALA A 202 13.97 -19.35 -1.45
CA ALA A 202 14.33 -18.03 -2.04
C ALA A 202 15.61 -18.07 -2.89
N ASP A 203 15.61 -17.29 -3.98
CA ASP A 203 16.79 -17.15 -4.84
C ASP A 203 17.80 -16.09 -4.33
N TYR A 204 17.28 -15.08 -3.63
CA TYR A 204 18.06 -13.99 -2.99
C TYR A 204 17.53 -13.61 -1.60
N VAL A 205 18.44 -13.15 -0.73
CA VAL A 205 18.09 -12.28 0.42
C VAL A 205 18.58 -10.85 0.16
N LYS A 206 17.80 -9.83 0.57
CA LYS A 206 18.05 -8.42 0.20
C LYS A 206 18.06 -7.57 1.49
N THR A 207 18.92 -6.55 1.56
CA THR A 207 19.08 -5.82 2.84
C THR A 207 17.88 -4.96 3.30
N SER A 208 17.36 -4.08 2.42
CA SER A 208 16.58 -2.91 2.88
C SER A 208 15.48 -2.45 1.91
N THR A 209 14.43 -1.81 2.43
CA THR A 209 13.40 -1.17 1.54
C THR A 209 13.75 0.24 1.04
N GLY A 210 14.59 0.95 1.79
CA GLY A 210 14.79 2.39 1.59
C GLY A 210 13.68 3.28 2.13
N PHE A 211 12.69 2.69 2.85
CA PHE A 211 11.53 3.42 3.42
C PHE A 211 11.43 3.36 4.96
N ASN A 212 12.35 2.64 5.61
CA ASN A 212 12.36 2.50 7.08
C ASN A 212 13.77 2.24 7.65
N GLY A 213 14.54 3.31 7.81
CA GLY A 213 15.87 3.26 8.43
C GLY A 213 17.01 3.08 7.43
N PRO A 214 18.27 3.07 7.93
CA PRO A 214 19.47 2.95 7.10
C PRO A 214 19.51 1.71 6.21
N GLY A 215 20.22 1.82 5.09
CA GLY A 215 20.35 0.73 4.09
C GLY A 215 21.58 -0.17 4.23
N ALA A 216 22.08 -0.67 3.10
CA ALA A 216 23.20 -1.64 3.09
C ALA A 216 24.48 -1.13 3.78
N SER A 217 25.09 -2.01 4.60
CA SER A 217 26.45 -1.82 5.15
C SER A 217 27.37 -2.97 4.76
N ILE A 218 28.69 -2.72 4.70
CA ILE A 218 29.65 -3.81 4.39
C ILE A 218 29.59 -4.92 5.46
N GLU A 219 29.34 -4.55 6.71
CA GLU A 219 29.20 -5.53 7.81
C GLU A 219 28.00 -6.50 7.61
N ASN A 220 26.82 -5.95 7.31
CA ASN A 220 25.63 -6.80 7.12
C ASN A 220 25.68 -7.66 5.85
N VAL A 221 26.20 -7.10 4.74
CA VAL A 221 26.37 -7.88 3.50
C VAL A 221 27.37 -9.05 3.66
N SER A 222 28.51 -8.78 4.32
CA SER A 222 29.51 -9.82 4.60
C SER A 222 28.92 -10.96 5.48
N LEU A 223 28.12 -10.62 6.48
CA LEU A 223 27.46 -11.63 7.33
C LEU A 223 26.42 -12.46 6.53
N MET A 224 25.57 -11.79 5.75
CA MET A 224 24.56 -12.48 4.92
C MET A 224 25.21 -13.47 3.93
N SER A 225 26.33 -13.06 3.32
CA SER A 225 27.08 -13.90 2.38
CA SER A 225 27.04 -13.92 2.37
C SER A 225 27.67 -15.14 3.06
N ALA A 226 28.24 -14.93 4.24
CA ALA A 226 28.82 -16.02 5.06
C ALA A 226 27.79 -17.10 5.42
N VAL A 227 26.60 -16.67 5.81
CA VAL A 227 25.51 -17.60 6.14
C VAL A 227 25.04 -18.38 4.90
N CYS A 228 24.77 -17.65 3.80
CA CYS A 228 24.27 -18.29 2.58
C CYS A 228 25.27 -19.30 1.99
N ASP A 229 26.55 -18.97 2.05
CA ASP A 229 27.57 -19.82 1.44
C ASP A 229 27.79 -21.12 2.23
N SER A 230 27.42 -21.10 3.51
CA SER A 230 27.55 -22.27 4.38
C SER A 230 26.43 -23.30 4.21
N LEU A 231 25.29 -22.85 3.68
CA LEU A 231 24.13 -23.71 3.44
C LEU A 231 24.21 -24.46 2.10
N GLN A 232 23.42 -25.51 1.95
CA GLN A 232 23.41 -26.36 0.74
C GLN A 232 22.64 -25.74 -0.43
N SER A 233 21.76 -24.78 -0.13
CA SER A 233 20.94 -24.09 -1.13
C SER A 233 21.76 -23.10 -1.98
N GLU A 234 21.16 -22.57 -3.04
CA GLU A 234 21.88 -21.68 -3.98
C GLU A 234 21.59 -20.17 -3.83
N THR A 235 21.29 -19.73 -2.60
CA THR A 235 20.80 -18.36 -2.34
C THR A 235 21.92 -17.30 -2.42
N ARG A 236 21.64 -16.21 -3.14
CA ARG A 236 22.59 -15.08 -3.35
C ARG A 236 22.18 -13.83 -2.55
N VAL A 237 23.05 -12.80 -2.52
CA VAL A 237 22.79 -11.55 -1.74
C VAL A 237 22.59 -10.30 -2.65
N LYS A 238 21.51 -9.52 -2.39
CA LYS A 238 21.30 -8.19 -3.02
C LYS A 238 21.45 -7.04 -2.01
N ALA A 239 22.38 -6.11 -2.29
CA ALA A 239 22.56 -4.90 -1.47
C ALA A 239 21.70 -3.74 -1.99
N SER A 240 20.97 -3.07 -1.09
CA SER A 240 20.01 -1.99 -1.46
C SER A 240 19.90 -0.91 -0.38
N GLY A 241 19.54 0.30 -0.79
CA GLY A 241 19.33 1.44 0.13
C GLY A 241 20.62 2.23 0.28
N GLY A 242 20.59 3.49 -0.17
CA GLY A 242 21.77 4.36 -0.08
C GLY A 242 22.95 4.17 -1.04
N ILE A 243 22.77 3.36 -2.08
CA ILE A 243 23.84 3.13 -3.07
C ILE A 243 23.80 4.22 -4.15
N ARG A 244 24.75 5.16 -4.07
CA ARG A 244 24.69 6.41 -4.86
C ARG A 244 25.87 6.62 -5.84
N THR A 245 26.99 5.92 -5.62
CA THR A 245 28.24 6.14 -6.38
C THR A 245 28.89 4.82 -6.87
N ILE A 246 29.80 4.92 -7.83
CA ILE A 246 30.56 3.74 -8.26
C ILE A 246 31.38 3.10 -7.11
N GLU A 247 31.92 3.95 -6.22
CA GLU A 247 32.66 3.45 -5.05
C GLU A 247 31.75 2.59 -4.14
N ASP A 248 30.51 3.03 -3.93
CA ASP A 248 29.53 2.25 -3.15
C ASP A 248 29.28 0.87 -3.81
N CYS A 249 29.11 0.86 -5.14
CA CYS A 249 28.87 -0.40 -5.90
C CYS A 249 30.02 -1.39 -5.71
N VAL A 250 31.26 -0.91 -5.85
CA VAL A 250 32.45 -1.77 -5.73
C VAL A 250 32.59 -2.40 -4.32
N LYS A 251 32.41 -1.58 -3.27
CA LYS A 251 32.53 -2.11 -1.91
C LYS A 251 31.45 -3.14 -1.55
N MET A 252 30.22 -2.95 -2.04
CA MET A 252 29.17 -3.95 -1.76
C MET A 252 29.38 -5.28 -2.49
N VAL A 253 29.93 -5.24 -3.72
CA VAL A 253 30.33 -6.47 -4.43
C VAL A 253 31.50 -7.19 -3.72
N ARG A 254 32.52 -6.45 -3.31
CA ARG A 254 33.61 -7.04 -2.48
C ARG A 254 33.08 -7.73 -1.21
N ALA A 255 32.02 -7.18 -0.60
CA ALA A 255 31.42 -7.77 0.60
C ALA A 255 30.59 -9.04 0.34
N GLY A 256 30.24 -9.30 -0.94
CA GLY A 256 29.50 -10.51 -1.34
C GLY A 256 28.23 -10.33 -2.19
N ALA A 257 27.80 -9.09 -2.44
CA ALA A 257 26.63 -8.86 -3.29
C ALA A 257 26.79 -9.29 -4.77
N GLU A 258 25.75 -9.91 -5.32
CA GLU A 258 25.71 -10.27 -6.77
C GLU A 258 24.67 -9.47 -7.57
N ARG A 259 23.81 -8.73 -6.87
CA ARG A 259 22.86 -7.76 -7.49
C ARG A 259 22.81 -6.50 -6.60
N LEU A 260 22.52 -5.36 -7.22
CA LEU A 260 22.45 -4.06 -6.49
C LEU A 260 21.11 -3.35 -6.79
N GLY A 261 20.46 -2.80 -5.77
CA GLY A 261 19.26 -1.93 -5.95
C GLY A 261 19.60 -0.46 -5.78
N ALA A 262 19.21 0.37 -6.77
CA ALA A 262 19.53 1.81 -6.80
C ALA A 262 18.58 2.61 -7.70
N SER A 263 18.51 3.92 -7.46
CA SER A 263 17.82 4.84 -8.39
CA SER A 263 17.82 4.85 -8.37
C SER A 263 18.79 5.68 -9.21
N ALA A 264 20.07 5.73 -8.78
CA ALA A 264 21.14 6.58 -9.37
C ALA A 264 22.01 5.93 -10.46
N GLY A 265 21.55 4.83 -11.03
CA GLY A 265 22.33 4.06 -12.02
C GLY A 265 22.85 4.83 -13.25
N VAL A 266 22.09 5.81 -13.73
CA VAL A 266 22.52 6.63 -14.87
C VAL A 266 23.81 7.44 -14.53
N LYS A 267 23.80 8.12 -13.40
CA LYS A 267 24.98 8.87 -12.93
C LYS A 267 26.18 7.96 -12.67
N ILE A 268 25.91 6.78 -12.07
CA ILE A 268 26.97 5.78 -11.78
C ILE A 268 27.67 5.29 -13.07
N VAL A 269 26.89 4.84 -14.06
CA VAL A 269 27.51 4.40 -15.33
C VAL A 269 28.22 5.55 -16.05
N ASN A 270 27.62 6.74 -16.05
CA ASN A 270 28.28 7.90 -16.68
C ASN A 270 29.71 8.15 -16.13
N GLU A 271 29.91 7.95 -14.81
CA GLU A 271 31.23 8.07 -14.14
CA GLU A 271 31.25 8.16 -14.24
C GLU A 271 32.27 7.13 -14.77
N THR A 272 31.85 5.90 -15.02
CA THR A 272 32.76 4.85 -15.51
C THR A 272 33.27 5.07 -16.93
N ARG A 273 32.60 5.94 -17.69
CA ARG A 273 32.93 6.10 -19.10
C ARG A 273 34.05 7.12 -19.34
N LEU A 274 34.42 7.82 -18.28
CA LEU A 274 35.50 8.80 -18.33
C LEU A 274 36.87 8.21 -17.99
N MET B 22 -16.04 23.28 -15.85
CA MET B 22 -15.23 23.59 -14.64
C MET B 22 -13.76 23.20 -14.80
N SER B 23 -13.48 22.28 -15.73
CA SER B 23 -12.11 21.87 -16.03
C SER B 23 -11.36 22.96 -16.83
N SER B 24 -12.06 24.06 -17.11
CA SER B 24 -11.50 25.20 -17.83
C SER B 24 -10.90 26.27 -16.91
N LEU B 25 -11.25 26.21 -15.62
CA LEU B 25 -10.82 27.21 -14.64
C LEU B 25 -9.34 27.10 -14.23
N ASN B 26 -8.70 28.25 -14.04
CA ASN B 26 -7.36 28.31 -13.42
C ASN B 26 -7.45 28.46 -11.90
N ASN B 27 -6.30 28.54 -11.23
CA ASN B 27 -6.24 28.56 -9.76
C ASN B 27 -6.83 29.81 -9.10
N GLU B 28 -6.62 30.97 -9.73
CA GLU B 28 -7.20 32.23 -9.26
C GLU B 28 -8.73 32.23 -9.36
N GLU B 29 -9.26 31.61 -10.42
CA GLU B 29 -10.71 31.49 -10.60
C GLU B 29 -11.35 30.51 -9.62
N TRP B 30 -10.66 29.41 -9.30
CA TRP B 30 -11.14 28.49 -8.25
C TRP B 30 -11.21 29.19 -6.90
N ASP B 31 -10.18 29.98 -6.59
CA ASP B 31 -10.15 30.77 -5.36
C ASP B 31 -11.35 31.70 -5.23
N LEU B 32 -11.69 32.39 -6.32
CA LEU B 32 -12.88 33.27 -6.37
C LEU B 32 -14.20 32.51 -6.19
N LEU B 33 -14.33 31.36 -6.87
CA LEU B 33 -15.54 30.54 -6.80
C LEU B 33 -15.76 30.01 -5.38
N ILE B 34 -14.70 29.49 -4.77
CA ILE B 34 -14.76 28.96 -3.40
C ILE B 34 -15.14 30.06 -2.39
N SER B 35 -14.52 31.25 -2.54
CA SER B 35 -14.86 32.42 -1.74
C SER B 35 -16.33 32.82 -1.86
N GLY B 36 -16.87 32.74 -3.09
CA GLY B 36 -18.28 32.98 -3.35
C GLY B 36 -19.22 32.07 -2.57
N LYS B 37 -18.88 30.79 -2.50
CA LYS B 37 -19.71 29.82 -1.78
C LYS B 37 -19.65 30.05 -0.27
N LYS B 38 -18.46 30.39 0.24
CA LYS B 38 -18.28 30.68 1.67
C LYS B 38 -19.15 31.86 2.13
N ALA B 39 -19.31 32.85 1.26
CA ALA B 39 -20.06 34.06 1.58
C ALA B 39 -21.57 33.84 1.74
N THR B 40 -22.06 32.65 1.38
CA THR B 40 -23.50 32.34 1.52
CA THR B 40 -23.49 32.31 1.49
C THR B 40 -23.82 31.53 2.77
N LEU B 41 -22.79 31.09 3.48
CA LEU B 41 -22.96 30.32 4.70
C LEU B 41 -23.39 31.19 5.89
N GLN B 42 -24.25 30.64 6.75
CA GLN B 42 -24.63 31.29 8.00
C GLN B 42 -23.53 31.08 9.04
N TYR B 43 -23.07 32.19 9.61
CA TYR B 43 -22.03 32.19 10.63
C TYR B 43 -22.53 32.81 11.94
N PRO B 44 -22.25 32.17 13.10
CA PRO B 44 -21.53 30.90 13.25
C PRO B 44 -22.32 29.74 12.68
N ILE B 45 -21.61 28.69 12.26
CA ILE B 45 -22.23 27.48 11.71
C ILE B 45 -23.19 26.83 12.72
N PRO B 46 -24.48 26.69 12.35
CA PRO B 46 -25.45 26.00 13.22
C PRO B 46 -25.11 24.52 13.43
N LEU B 47 -25.12 24.07 14.69
CA LEU B 47 -24.78 22.69 15.05
C LEU B 47 -26.02 21.83 15.39
N LEU B 48 -25.95 20.54 15.03
CA LEU B 48 -26.97 19.54 15.38
C LEU B 48 -28.38 19.85 14.84
N CYS B 49 -28.43 20.21 13.56
CA CYS B 49 -29.66 20.67 12.91
C CYS B 49 -30.72 19.59 12.62
N TYR B 50 -30.26 18.34 12.45
CA TYR B 50 -31.11 17.28 11.85
C TYR B 50 -31.72 16.29 12.85
N PRO B 51 -32.79 15.57 12.45
CA PRO B 51 -33.44 14.63 13.39
C PRO B 51 -32.57 13.42 13.79
N ALA B 52 -32.79 12.89 14.99
CA ALA B 52 -32.15 11.65 15.42
C ALA B 52 -32.58 10.47 14.55
N PRO B 53 -31.69 9.46 14.39
CA PRO B 53 -32.08 8.27 13.61
C PRO B 53 -33.01 7.34 14.39
N GLU B 54 -33.66 6.42 13.69
CA GLU B 54 -34.39 5.32 14.33
C GLU B 54 -33.38 4.26 14.75
N VAL B 55 -33.11 4.15 16.04
CA VAL B 55 -31.96 3.35 16.53
C VAL B 55 -32.04 1.83 16.27
N VAL B 56 -33.26 1.29 16.19
CA VAL B 56 -33.42 -0.16 15.94
C VAL B 56 -33.05 -0.57 14.51
N SER B 57 -32.98 0.41 13.60
CA SER B 57 -32.62 0.13 12.20
CA SER B 57 -32.63 0.15 12.20
C SER B 57 -31.29 0.79 11.82
N ILE B 58 -30.46 1.10 12.81
CA ILE B 58 -29.16 1.78 12.57
C ILE B 58 -28.20 1.04 11.61
N ALA B 59 -28.28 -0.30 11.56
CA ALA B 59 -27.40 -1.09 10.67
C ALA B 59 -27.49 -0.68 9.20
N GLN B 60 -28.68 -0.21 8.79
CA GLN B 60 -28.95 0.15 7.39
CA GLN B 60 -28.91 0.11 7.38
C GLN B 60 -28.09 1.29 6.86
N ILE B 61 -27.51 2.09 7.77
CA ILE B 61 -26.62 3.22 7.36
C ILE B 61 -25.13 3.03 7.73
N ILE B 62 -24.75 1.81 8.12
CA ILE B 62 -23.35 1.51 8.50
C ILE B 62 -22.57 0.75 7.41
N ASP B 63 -21.38 1.26 7.06
CA ASP B 63 -20.36 0.52 6.26
C ASP B 63 -19.45 -0.28 7.23
N HIS B 64 -19.63 -1.60 7.25
CA HIS B 64 -18.95 -2.55 8.20
C HIS B 64 -17.50 -2.81 7.73
N THR B 65 -16.52 -2.31 8.50
CA THR B 65 -15.13 -2.10 8.00
C THR B 65 -14.04 -2.97 8.63
N GLN B 66 -13.16 -3.54 7.79
CA GLN B 66 -11.89 -4.17 8.25
C GLN B 66 -10.75 -3.86 7.28
N LEU B 67 -9.83 -2.98 7.71
CA LEU B 67 -8.73 -2.48 6.87
C LEU B 67 -7.33 -2.68 7.48
N SER B 68 -7.21 -3.42 8.58
CA SER B 68 -5.90 -3.70 9.18
CA SER B 68 -5.90 -3.72 9.18
C SER B 68 -4.99 -4.45 8.19
N LEU B 69 -3.70 -4.08 8.15
CA LEU B 69 -2.75 -4.78 7.25
C LEU B 69 -2.71 -6.29 7.53
N SER B 70 -2.80 -6.66 8.81
CA SER B 70 -2.69 -8.06 9.23
C SER B 70 -3.94 -8.93 9.02
N ALA B 71 -5.06 -8.32 8.64
CA ALA B 71 -6.34 -9.06 8.52
C ALA B 71 -6.23 -10.24 7.55
N THR B 72 -6.63 -11.43 8.01
CA THR B 72 -6.56 -12.68 7.24
C THR B 72 -7.83 -12.95 6.43
N GLY B 73 -7.76 -13.88 5.49
CA GLY B 73 -8.97 -14.32 4.76
C GLY B 73 -10.11 -14.79 5.68
N SER B 74 -9.75 -15.52 6.75
CA SER B 74 -10.76 -15.97 7.74
C SER B 74 -11.49 -14.80 8.43
N GLN B 75 -10.75 -13.74 8.74
CA GLN B 75 -11.32 -12.52 9.33
C GLN B 75 -12.25 -11.79 8.37
N ILE B 76 -11.94 -11.79 7.08
CA ILE B 76 -12.85 -11.23 6.05
C ILE B 76 -14.14 -12.06 5.88
N ASP B 77 -14.03 -13.40 5.94
CA ASP B 77 -15.22 -14.28 5.90
C ASP B 77 -16.19 -13.96 7.06
N VAL B 78 -15.64 -13.77 8.27
CA VAL B 78 -16.44 -13.36 9.45
C VAL B 78 -17.11 -11.98 9.27
N LEU B 79 -16.39 -11.00 8.73
CA LEU B 79 -16.96 -9.68 8.40
C LEU B 79 -18.20 -9.79 7.52
N CYS B 80 -18.11 -10.63 6.47
CA CYS B 80 -19.21 -10.83 5.53
C CYS B 80 -20.42 -11.57 6.15
N ALA B 81 -20.17 -12.58 6.98
CA ALA B 81 -21.23 -13.28 7.72
C ALA B 81 -21.99 -12.37 8.70
N GLU B 82 -21.25 -11.50 9.39
CA GLU B 82 -21.88 -10.49 10.28
C GLU B 82 -22.76 -9.49 9.49
N ALA B 83 -22.29 -9.06 8.32
CA ALA B 83 -23.07 -8.13 7.50
C ALA B 83 -24.38 -8.76 7.00
N LYS B 84 -24.31 -10.03 6.58
CA LYS B 84 -25.51 -10.77 6.16
C LYS B 84 -26.52 -10.92 7.32
N GLU B 85 -26.03 -11.25 8.52
CA GLU B 85 -26.87 -11.46 9.70
CA GLU B 85 -26.89 -11.46 9.69
C GLU B 85 -27.57 -10.18 10.17
N TYR B 86 -26.83 -9.07 10.21
CA TYR B 86 -27.32 -7.80 10.79
C TYR B 86 -27.91 -6.80 9.77
N GLY B 87 -27.68 -7.04 8.49
CA GLY B 87 -28.15 -6.13 7.42
C GLY B 87 -27.42 -4.79 7.33
N PHE B 88 -26.10 -4.82 7.42
CA PHE B 88 -25.30 -3.60 7.20
C PHE B 88 -25.38 -3.16 5.73
N ALA B 89 -25.15 -1.87 5.48
CA ALA B 89 -25.31 -1.30 4.13
C ALA B 89 -24.30 -1.91 3.13
N THR B 90 -23.03 -1.94 3.53
CA THR B 90 -21.93 -2.56 2.75
C THR B 90 -20.89 -3.15 3.71
N VAL B 91 -19.97 -3.97 3.18
CA VAL B 91 -18.67 -4.22 3.84
C VAL B 91 -17.61 -3.33 3.15
N CYS B 92 -16.60 -2.91 3.90
CA CYS B 92 -15.53 -2.05 3.36
C CYS B 92 -14.17 -2.72 3.57
N VAL B 93 -13.46 -2.96 2.46
CA VAL B 93 -12.21 -3.74 2.42
C VAL B 93 -11.14 -3.15 1.47
N ARG B 94 -9.90 -3.65 1.55
CA ARG B 94 -8.80 -3.29 0.60
C ARG B 94 -8.92 -4.00 -0.77
N PRO B 95 -8.28 -3.46 -1.84
CA PRO B 95 -8.42 -4.01 -3.21
C PRO B 95 -8.27 -5.53 -3.34
N ASP B 96 -7.32 -6.13 -2.64
CA ASP B 96 -7.05 -7.55 -2.83
C ASP B 96 -8.07 -8.50 -2.16
N TYR B 97 -9.03 -7.93 -1.40
CA TYR B 97 -10.15 -8.71 -0.81
C TYR B 97 -11.53 -8.50 -1.47
N VAL B 98 -11.61 -7.66 -2.52
CA VAL B 98 -12.91 -7.36 -3.19
C VAL B 98 -13.60 -8.63 -3.76
N SER B 99 -12.84 -9.44 -4.51
CA SER B 99 -13.39 -10.64 -5.13
CA SER B 99 -13.39 -10.65 -5.13
C SER B 99 -13.95 -11.65 -4.12
N ARG B 100 -13.20 -11.88 -3.02
CA ARG B 100 -13.64 -12.78 -1.94
CA ARG B 100 -13.63 -12.77 -1.94
C ARG B 100 -14.97 -12.33 -1.35
N ALA B 101 -15.08 -11.01 -1.05
CA ALA B 101 -16.30 -10.47 -0.45
C ALA B 101 -17.53 -10.51 -1.37
N VAL B 102 -17.33 -10.14 -2.63
CA VAL B 102 -18.42 -10.17 -3.64
C VAL B 102 -18.99 -11.59 -3.80
N GLN B 103 -18.10 -12.59 -3.88
CA GLN B 103 -18.53 -14.00 -3.97
C GLN B 103 -19.32 -14.47 -2.74
N TYR B 104 -18.85 -14.09 -1.54
CA TYR B 104 -19.52 -14.47 -0.29
C TYR B 104 -20.95 -13.93 -0.22
N LEU B 105 -21.14 -12.70 -0.71
CA LEU B 105 -22.40 -11.97 -0.52
C LEU B 105 -23.38 -12.05 -1.70
N GLN B 106 -23.07 -12.90 -2.67
CA GLN B 106 -23.98 -13.17 -3.79
C GLN B 106 -25.40 -13.46 -3.35
N GLY B 107 -26.37 -12.83 -4.03
CA GLY B 107 -27.79 -13.03 -3.75
C GLY B 107 -28.34 -12.33 -2.51
N THR B 108 -27.55 -11.43 -1.92
CA THR B 108 -27.97 -10.62 -0.78
C THR B 108 -28.09 -9.15 -1.19
N GLN B 109 -28.53 -8.31 -0.26
CA GLN B 109 -28.65 -6.86 -0.50
C GLN B 109 -27.43 -6.06 0.01
N VAL B 110 -26.39 -6.76 0.46
CA VAL B 110 -25.17 -6.13 1.00
C VAL B 110 -24.18 -5.79 -0.14
N GLY B 111 -23.79 -4.52 -0.25
CA GLY B 111 -22.81 -4.08 -1.27
C GLY B 111 -21.37 -4.23 -0.79
N VAL B 112 -20.41 -3.96 -1.69
CA VAL B 112 -18.97 -3.98 -1.33
C VAL B 112 -18.31 -2.63 -1.68
N THR B 113 -17.72 -1.98 -0.66
CA THR B 113 -16.96 -0.71 -0.78
C THR B 113 -15.45 -1.02 -0.82
N CYS B 114 -14.74 -0.55 -1.84
CA CYS B 114 -13.27 -0.67 -1.92
C CYS B 114 -12.57 0.68 -1.64
N VAL B 115 -11.51 0.66 -0.80
CA VAL B 115 -10.67 1.87 -0.61
C VAL B 115 -9.67 2.09 -1.76
N ILE B 116 -9.48 3.36 -2.14
CA ILE B 116 -8.64 3.77 -3.30
C ILE B 116 -7.59 4.82 -2.88
N GLY B 117 -6.32 4.60 -3.24
CA GLY B 117 -5.22 5.49 -2.80
C GLY B 117 -5.03 5.61 -1.29
N PHE B 118 -5.25 4.51 -0.58
CA PHE B 118 -5.42 4.47 0.90
C PHE B 118 -4.13 3.99 1.61
N HIS B 119 -3.71 4.61 2.72
CA HIS B 119 -4.34 5.75 3.40
C HIS B 119 -3.73 7.10 3.04
N GLU B 120 -2.58 7.10 2.35
CA GLU B 120 -1.76 8.33 2.22
C GLU B 120 -2.34 9.44 1.32
N GLY B 121 -3.07 9.07 0.27
CA GLY B 121 -3.66 10.06 -0.65
C GLY B 121 -2.72 10.67 -1.70
N THR B 122 -1.43 10.38 -1.59
CA THR B 122 -0.39 10.96 -2.46
C THR B 122 0.03 10.05 -3.64
N TYR B 123 -0.56 8.87 -3.75
CA TYR B 123 -0.46 8.04 -4.95
C TYR B 123 -0.84 8.85 -6.21
N SER B 124 -0.08 8.68 -7.29
CA SER B 124 -0.35 9.40 -8.56
C SER B 124 -1.76 9.13 -9.09
N THR B 125 -2.29 10.07 -9.89
CA THR B 125 -3.60 9.88 -10.53
C THR B 125 -3.67 8.60 -11.37
N ASP B 126 -2.60 8.30 -12.12
CA ASP B 126 -2.51 7.05 -12.88
C ASP B 126 -2.73 5.78 -12.03
N GLN B 127 -2.11 5.74 -10.84
CA GLN B 127 -2.28 4.61 -9.90
C GLN B 127 -3.71 4.51 -9.31
N LYS B 128 -4.31 5.64 -8.92
CA LYS B 128 -5.70 5.67 -8.42
C LYS B 128 -6.70 5.18 -9.47
N VAL B 129 -6.53 5.63 -10.71
CA VAL B 129 -7.40 5.21 -11.83
C VAL B 129 -7.31 3.69 -12.10
N SER B 130 -6.09 3.15 -12.09
CA SER B 130 -5.87 1.71 -12.28
CA SER B 130 -5.87 1.71 -12.27
C SER B 130 -6.61 0.89 -11.21
N GLU B 131 -6.49 1.31 -9.94
CA GLU B 131 -7.16 0.65 -8.81
C GLU B 131 -8.69 0.72 -8.90
N ALA B 132 -9.21 1.88 -9.32
CA ALA B 132 -10.66 2.04 -9.51
C ALA B 132 -11.23 1.10 -10.58
N LYS B 133 -10.59 1.04 -11.75
CA LYS B 133 -11.06 0.16 -12.83
C LYS B 133 -11.05 -1.33 -12.42
N ARG B 134 -9.98 -1.76 -11.75
CA ARG B 134 -9.88 -3.16 -11.27
C ARG B 134 -10.93 -3.52 -10.22
N ALA B 135 -11.20 -2.60 -9.28
CA ALA B 135 -12.25 -2.82 -8.27
C ALA B 135 -13.64 -3.05 -8.90
N MET B 136 -13.99 -2.24 -9.91
CA MET B 136 -15.29 -2.39 -10.58
C MET B 136 -15.38 -3.72 -11.35
N GLN B 137 -14.27 -4.10 -12.02
CA GLN B 137 -14.19 -5.41 -12.70
C GLN B 137 -14.42 -6.57 -11.73
N ASN B 138 -13.89 -6.44 -10.51
CA ASN B 138 -14.04 -7.46 -9.46
C ASN B 138 -15.41 -7.46 -8.76
N GLY B 139 -16.26 -6.49 -9.09
CA GLY B 139 -17.66 -6.46 -8.59
C GLY B 139 -18.02 -5.46 -7.50
N ALA B 140 -17.13 -4.54 -7.18
CA ALA B 140 -17.44 -3.51 -6.17
C ALA B 140 -18.62 -2.61 -6.60
N SER B 141 -19.39 -2.14 -5.61
CA SER B 141 -20.48 -1.19 -5.89
C SER B 141 -20.17 0.28 -5.49
N GLU B 142 -19.22 0.46 -4.56
CA GLU B 142 -18.85 1.79 -4.03
C GLU B 142 -17.31 1.93 -3.93
N LEU B 143 -16.82 3.17 -4.03
CA LEU B 143 -15.37 3.47 -3.92
C LEU B 143 -15.15 4.62 -2.94
N ASP B 144 -14.28 4.44 -1.94
CA ASP B 144 -13.90 5.50 -0.98
C ASP B 144 -12.42 5.89 -1.26
N MET B 145 -12.21 6.97 -2.01
CA MET B 145 -10.84 7.42 -2.39
C MET B 145 -10.30 8.47 -1.41
N VAL B 146 -8.98 8.52 -1.21
CA VAL B 146 -8.37 9.58 -0.39
C VAL B 146 -7.93 10.77 -1.28
N MET B 147 -8.39 11.98 -0.94
CA MET B 147 -7.97 13.24 -1.60
CA MET B 147 -7.97 13.21 -1.63
C MET B 147 -6.46 13.44 -1.48
N ASN B 148 -5.84 14.08 -2.49
CA ASN B 148 -4.43 14.51 -2.35
C ASN B 148 -4.43 15.81 -1.51
N TYR B 149 -4.58 15.65 -0.19
CA TYR B 149 -4.71 16.80 0.72
C TYR B 149 -3.44 17.67 0.88
N PRO B 150 -2.22 17.09 0.66
CA PRO B 150 -1.06 17.99 0.60
C PRO B 150 -1.13 19.02 -0.54
N TRP B 151 -1.61 18.61 -1.72
CA TRP B 151 -1.82 19.55 -2.83
C TRP B 151 -2.83 20.64 -2.48
N LEU B 152 -3.89 20.27 -1.74
CA LEU B 152 -4.89 21.25 -1.30
C LEU B 152 -4.28 22.31 -0.38
N SER B 153 -3.39 21.89 0.51
CA SER B 153 -2.67 22.81 1.40
C SER B 153 -1.77 23.79 0.63
N GLU B 154 -1.24 23.34 -0.50
CA GLU B 154 -0.40 24.17 -1.39
C GLU B 154 -1.20 25.08 -2.32
N LYS B 155 -2.53 25.05 -2.21
CA LYS B 155 -3.46 25.78 -3.09
C LYS B 155 -3.36 25.38 -4.57
N ARG B 156 -3.02 24.13 -4.84
CA ARG B 156 -3.00 23.56 -6.20
C ARG B 156 -4.39 23.00 -6.58
N TYR B 157 -5.36 23.90 -6.72
CA TYR B 157 -6.77 23.54 -6.94
C TYR B 157 -7.06 22.78 -8.26
N THR B 158 -6.40 23.17 -9.35
CA THR B 158 -6.59 22.46 -10.63
C THR B 158 -6.12 21.00 -10.58
N ASP B 159 -5.04 20.74 -9.84
CA ASP B 159 -4.51 19.38 -9.66
C ASP B 159 -5.43 18.51 -8.78
N VAL B 160 -5.95 19.07 -7.68
CA VAL B 160 -6.93 18.35 -6.82
C VAL B 160 -8.20 17.98 -7.61
N PHE B 161 -8.73 18.95 -8.37
CA PHE B 161 -9.92 18.74 -9.19
C PHE B 161 -9.71 17.64 -10.24
N GLN B 162 -8.60 17.70 -10.99
CA GLN B 162 -8.32 16.72 -12.05
C GLN B 162 -8.14 15.29 -11.50
N ASP B 163 -7.56 15.18 -10.31
CA ASP B 163 -7.36 13.88 -9.63
C ASP B 163 -8.71 13.20 -9.34
N ILE B 164 -9.65 13.94 -8.74
CA ILE B 164 -11.00 13.42 -8.46
C ILE B 164 -11.80 13.16 -9.76
N ARG B 165 -11.76 14.10 -10.71
CA ARG B 165 -12.46 13.92 -12.00
C ARG B 165 -12.05 12.64 -12.77
N ALA B 166 -10.75 12.35 -12.80
CA ALA B 166 -10.27 11.14 -13.48
C ALA B 166 -10.82 9.84 -12.89
N VAL B 167 -10.87 9.75 -11.56
CA VAL B 167 -11.49 8.59 -10.90
C VAL B 167 -13.00 8.52 -11.21
N ARG B 168 -13.68 9.68 -11.16
CA ARG B 168 -15.13 9.75 -11.45
C ARG B 168 -15.50 9.19 -12.83
N LEU B 169 -14.71 9.55 -13.84
CA LEU B 169 -14.95 9.11 -15.22
C LEU B 169 -14.56 7.66 -15.49
N ALA B 170 -13.59 7.14 -14.72
CA ALA B 170 -13.19 5.75 -14.84
C ALA B 170 -14.21 4.77 -14.25
N ALA B 171 -15.04 5.27 -13.33
CA ALA B 171 -16.06 4.43 -12.67
C ALA B 171 -17.39 5.17 -12.52
N LYS B 172 -18.05 5.39 -13.67
CA LYS B 172 -19.28 6.21 -13.72
C LYS B 172 -20.48 5.63 -12.94
N ASP B 173 -20.52 4.30 -12.82
CA ASP B 173 -21.63 3.59 -12.16
CA ASP B 173 -21.64 3.61 -12.16
C ASP B 173 -21.48 3.42 -10.65
N ALA B 174 -20.29 3.75 -10.12
CA ALA B 174 -20.06 3.58 -8.67
C ALA B 174 -20.67 4.70 -7.82
N ILE B 175 -20.96 4.40 -6.55
CA ILE B 175 -21.14 5.45 -5.54
CA ILE B 175 -21.14 5.46 -5.55
C ILE B 175 -19.74 5.89 -5.11
N LEU B 176 -19.37 7.14 -5.41
CA LEU B 176 -18.01 7.67 -5.15
C LEU B 176 -17.95 8.58 -3.92
N LYS B 177 -17.11 8.20 -2.95
CA LYS B 177 -16.90 9.01 -1.71
C LYS B 177 -15.45 9.52 -1.68
N VAL B 178 -15.25 10.79 -1.33
CA VAL B 178 -13.90 11.40 -1.20
C VAL B 178 -13.53 11.71 0.26
N ILE B 179 -12.47 11.08 0.78
CA ILE B 179 -11.96 11.32 2.15
C ILE B 179 -11.08 12.59 2.19
N LEU B 180 -11.47 13.58 3.00
CA LEU B 180 -10.70 14.83 3.15
C LEU B 180 -9.47 14.73 4.08
N GLU B 181 -9.55 13.86 5.09
CA GLU B 181 -8.63 13.80 6.25
C GLU B 181 -8.62 15.11 7.06
N THR B 182 -9.75 15.37 7.73
CA THR B 182 -10.00 16.67 8.40
C THR B 182 -8.94 17.05 9.45
N SER B 183 -8.29 16.04 10.04
CA SER B 183 -7.23 16.24 11.04
C SER B 183 -6.04 17.08 10.55
N GLN B 184 -5.87 17.13 9.22
CA GLN B 184 -4.75 17.80 8.57
C GLN B 184 -5.09 19.16 7.95
N LEU B 185 -6.34 19.63 8.14
CA LEU B 185 -6.86 20.79 7.40
C LEU B 185 -7.44 21.88 8.31
N THR B 186 -7.35 23.14 7.85
CA THR B 186 -8.07 24.26 8.48
C THR B 186 -9.55 24.26 8.05
N ALA B 187 -10.37 25.08 8.72
CA ALA B 187 -11.78 25.22 8.33
C ALA B 187 -11.96 25.70 6.88
N ASP B 188 -11.17 26.70 6.47
CA ASP B 188 -11.20 27.19 5.10
C ASP B 188 -10.84 26.09 4.08
N GLU B 189 -9.86 25.26 4.44
CA GLU B 189 -9.44 24.13 3.60
C GLU B 189 -10.52 23.04 3.48
N ILE B 190 -11.26 22.78 4.55
CA ILE B 190 -12.42 21.88 4.52
C ILE B 190 -13.50 22.41 3.56
N ILE B 191 -13.80 23.70 3.61
CA ILE B 191 -14.73 24.33 2.66
C ILE B 191 -14.28 24.10 1.19
N ALA B 192 -13.00 24.38 0.89
CA ALA B 192 -12.43 24.17 -0.44
C ALA B 192 -12.54 22.71 -0.89
N GLY B 193 -12.24 21.79 0.02
CA GLY B 193 -12.31 20.35 -0.26
C GLY B 193 -13.72 19.88 -0.63
N CYS B 194 -14.74 20.41 0.06
CA CYS B 194 -16.13 20.08 -0.23
C CYS B 194 -16.59 20.61 -1.60
N VAL B 195 -16.23 21.86 -1.93
CA VAL B 195 -16.61 22.48 -3.21
C VAL B 195 -15.99 21.73 -4.41
N LEU B 196 -14.68 21.48 -4.36
CA LEU B 196 -13.98 20.75 -5.42
C LEU B 196 -14.52 19.32 -5.65
N SER B 197 -14.76 18.58 -4.55
CA SER B 197 -15.28 17.21 -4.65
C SER B 197 -16.67 17.15 -5.29
N SER B 198 -17.56 18.03 -4.84
CA SER B 198 -18.94 18.07 -5.33
C SER B 198 -19.05 18.45 -6.81
N LEU B 199 -18.30 19.47 -7.22
CA LEU B 199 -18.31 19.93 -8.61
C LEU B 199 -17.64 18.93 -9.56
N ALA B 200 -16.72 18.11 -9.03
CA ALA B 200 -16.10 17.01 -9.80
C ALA B 200 -17.03 15.79 -9.97
N GLY B 201 -18.10 15.73 -9.18
CA GLY B 201 -19.12 14.69 -9.31
C GLY B 201 -19.23 13.66 -8.19
N ALA B 202 -18.57 13.90 -7.06
CA ALA B 202 -18.64 12.97 -5.91
C ALA B 202 -20.05 12.85 -5.31
N ASP B 203 -20.41 11.63 -4.91
CA ASP B 203 -21.71 11.35 -4.25
C ASP B 203 -21.66 11.62 -2.74
N TYR B 204 -20.48 11.49 -2.14
CA TYR B 204 -20.22 11.74 -0.71
C TYR B 204 -18.86 12.43 -0.49
N VAL B 205 -18.78 13.26 0.56
CA VAL B 205 -17.52 13.64 1.21
C VAL B 205 -17.43 12.94 2.58
N LYS B 206 -16.24 12.49 2.96
CA LYS B 206 -16.01 11.66 4.16
C LYS B 206 -14.93 12.30 5.04
N THR B 207 -15.09 12.25 6.37
CA THR B 207 -14.15 12.92 7.30
C THR B 207 -12.70 12.39 7.31
N SER B 208 -12.50 11.08 7.52
CA SER B 208 -11.21 10.56 8.03
C SER B 208 -10.86 9.13 7.58
N THR B 209 -9.57 8.80 7.54
CA THR B 209 -9.12 7.41 7.23
C THR B 209 -9.06 6.50 8.46
N GLY B 210 -8.85 7.09 9.64
CA GLY B 210 -8.56 6.33 10.86
C GLY B 210 -7.10 5.90 11.00
N PHE B 211 -6.25 6.33 10.06
CA PHE B 211 -4.83 5.98 10.02
C PHE B 211 -3.87 7.18 10.19
N ASN B 212 -4.41 8.39 10.31
CA ASN B 212 -3.60 9.62 10.43
C ASN B 212 -4.32 10.75 11.18
N GLY B 213 -4.37 10.63 12.50
CA GLY B 213 -4.97 11.67 13.37
C GLY B 213 -6.44 11.45 13.72
N PRO B 214 -7.01 12.37 14.53
CA PRO B 214 -8.39 12.31 15.05
C PRO B 214 -9.47 12.18 13.97
N GLY B 215 -10.59 11.57 14.34
CA GLY B 215 -11.73 11.30 13.42
C GLY B 215 -12.84 12.34 13.43
N ALA B 216 -14.07 11.89 13.20
CA ALA B 216 -15.24 12.78 13.04
C ALA B 216 -15.54 13.59 14.31
N SER B 217 -15.88 14.87 14.13
CA SER B 217 -16.41 15.71 15.22
C SER B 217 -17.73 16.37 14.81
N ILE B 218 -18.57 16.72 15.78
CA ILE B 218 -19.84 17.44 15.54
CA ILE B 218 -19.83 17.40 15.47
C ILE B 218 -19.58 18.71 14.71
N GLU B 219 -18.53 19.45 15.08
CA GLU B 219 -18.14 20.70 14.42
C GLU B 219 -17.81 20.52 12.93
N ASN B 220 -16.98 19.53 12.59
CA ASN B 220 -16.59 19.31 11.19
C ASN B 220 -17.72 18.73 10.32
N VAL B 221 -18.50 17.79 10.87
CA VAL B 221 -19.66 17.21 10.17
C VAL B 221 -20.71 18.29 9.88
N SER B 222 -20.99 19.16 10.85
CA SER B 222 -21.96 20.25 10.65
C SER B 222 -21.51 21.27 9.57
N LEU B 223 -20.22 21.61 9.56
CA LEU B 223 -19.64 22.46 8.51
C LEU B 223 -19.76 21.85 7.11
N MET B 224 -19.33 20.58 6.98
CA MET B 224 -19.42 19.84 5.73
C MET B 224 -20.85 19.78 5.18
N SER B 225 -21.81 19.53 6.07
CA SER B 225 -23.23 19.47 5.69
CA SER B 225 -23.24 19.47 5.71
C SER B 225 -23.76 20.82 5.17
N ALA B 226 -23.38 21.91 5.85
CA ALA B 226 -23.78 23.25 5.43
C ALA B 226 -23.23 23.61 4.04
N VAL B 227 -21.99 23.24 3.76
CA VAL B 227 -21.38 23.51 2.45
C VAL B 227 -22.08 22.72 1.33
N CYS B 228 -22.27 21.42 1.55
CA CYS B 228 -22.89 20.55 0.55
C CYS B 228 -24.34 20.94 0.24
N ASP B 229 -25.09 21.29 1.29
CA ASP B 229 -26.49 21.66 1.12
CA ASP B 229 -26.49 21.71 1.19
C ASP B 229 -26.68 22.98 0.34
N SER B 230 -25.67 23.85 0.36
CA SER B 230 -25.72 25.13 -0.36
C SER B 230 -25.46 25.00 -1.88
N LEU B 231 -24.89 23.89 -2.30
CA LEU B 231 -24.56 23.66 -3.72
C LEU B 231 -25.71 23.02 -4.49
N GLN B 232 -25.70 23.21 -5.82
CA GLN B 232 -26.71 22.63 -6.71
C GLN B 232 -26.50 21.12 -6.93
N SER B 233 -25.25 20.72 -7.09
CA SER B 233 -24.89 19.30 -7.23
C SER B 233 -25.18 18.51 -5.96
N GLU B 234 -25.67 17.29 -6.11
CA GLU B 234 -26.07 16.44 -4.98
C GLU B 234 -24.88 15.69 -4.37
N THR B 235 -24.57 16.03 -3.11
CA THR B 235 -23.46 15.40 -2.37
C THR B 235 -23.85 15.27 -0.89
N ARG B 236 -23.69 14.06 -0.33
CA ARG B 236 -24.00 13.76 1.07
C ARG B 236 -22.72 13.64 1.92
N VAL B 237 -22.88 13.52 3.25
CA VAL B 237 -21.77 13.42 4.22
C VAL B 237 -21.68 12.04 4.91
N LYS B 238 -20.47 11.46 4.94
CA LYS B 238 -20.15 10.24 5.72
C LYS B 238 -19.20 10.56 6.89
N ALA B 239 -19.61 10.24 8.12
CA ALA B 239 -18.79 10.41 9.33
C ALA B 239 -18.00 9.15 9.65
N SER B 240 -16.68 9.28 9.87
CA SER B 240 -15.80 8.11 10.09
C SER B 240 -14.65 8.39 11.06
N GLY B 241 -14.18 7.34 11.73
CA GLY B 241 -13.04 7.42 12.66
C GLY B 241 -13.52 7.68 14.09
N GLY B 242 -13.33 6.70 14.96
CA GLY B 242 -13.70 6.82 16.38
C GLY B 242 -15.17 6.66 16.75
N ILE B 243 -15.97 6.10 15.83
CA ILE B 243 -17.41 5.84 16.10
C ILE B 243 -17.58 4.47 16.72
N ARG B 244 -17.90 4.43 18.01
CA ARG B 244 -17.85 3.17 18.77
C ARG B 244 -19.10 2.81 19.58
N THR B 245 -20.02 3.77 19.76
CA THR B 245 -21.25 3.56 20.55
C THR B 245 -22.49 4.07 19.81
N ILE B 246 -23.69 3.66 20.27
CA ILE B 246 -24.94 4.19 19.70
C ILE B 246 -25.07 5.71 19.93
N GLU B 247 -24.54 6.20 21.05
CA GLU B 247 -24.51 7.65 21.34
C GLU B 247 -23.70 8.42 20.29
N ASP B 248 -22.54 7.86 19.90
CA ASP B 248 -21.69 8.44 18.86
C ASP B 248 -22.47 8.52 17.54
N CYS B 249 -23.19 7.44 17.20
CA CYS B 249 -24.00 7.37 15.97
C CYS B 249 -25.11 8.44 15.93
N VAL B 250 -25.85 8.57 17.03
CA VAL B 250 -26.92 9.57 17.13
C VAL B 250 -26.42 11.02 16.93
N LYS B 251 -25.33 11.38 17.61
CA LYS B 251 -24.74 12.71 17.52
CA LYS B 251 -24.82 12.74 17.49
C LYS B 251 -24.27 13.05 16.10
N MET B 252 -23.65 12.08 15.43
CA MET B 252 -23.16 12.31 14.06
C MET B 252 -24.29 12.48 13.03
N VAL B 253 -25.38 11.71 13.18
CA VAL B 253 -26.58 11.88 12.33
C VAL B 253 -27.26 13.24 12.59
N ARG B 254 -27.41 13.63 13.86
CA ARG B 254 -27.95 14.97 14.19
C ARG B 254 -27.13 16.09 13.54
N ALA B 255 -25.81 15.90 13.45
CA ALA B 255 -24.90 16.88 12.84
C ALA B 255 -24.99 16.94 11.30
N GLY B 256 -25.54 15.88 10.69
CA GLY B 256 -25.83 15.89 9.25
C GLY B 256 -25.38 14.69 8.43
N ALA B 257 -24.73 13.72 9.08
CA ALA B 257 -24.27 12.49 8.38
C ALA B 257 -25.43 11.59 7.92
N GLU B 258 -25.28 11.01 6.74
CA GLU B 258 -26.26 10.07 6.16
C GLU B 258 -25.71 8.64 6.00
N ARG B 259 -24.39 8.47 6.19
CA ARG B 259 -23.73 7.15 6.27
C ARG B 259 -22.67 7.24 7.37
N LEU B 260 -22.38 6.10 8.01
CA LEU B 260 -21.37 5.99 9.09
C LEU B 260 -20.33 4.91 8.79
N GLY B 261 -19.05 5.21 9.02
CA GLY B 261 -17.99 4.20 8.90
C GLY B 261 -17.50 3.74 10.27
N ALA B 262 -17.47 2.42 10.49
CA ALA B 262 -17.12 1.84 11.81
C ALA B 262 -16.70 0.37 11.71
N SER B 263 -15.98 -0.11 12.74
CA SER B 263 -15.62 -1.52 12.86
CA SER B 263 -15.65 -1.53 12.86
C SER B 263 -16.43 -2.21 13.98
N ALA B 264 -17.04 -1.41 14.85
CA ALA B 264 -17.78 -1.86 16.05
C ALA B 264 -19.30 -2.07 15.90
N GLY B 265 -19.77 -2.20 14.66
CA GLY B 265 -21.21 -2.34 14.39
C GLY B 265 -21.98 -3.41 15.14
N VAL B 266 -21.36 -4.58 15.37
CA VAL B 266 -22.02 -5.69 16.09
C VAL B 266 -22.34 -5.30 17.54
N LYS B 267 -21.37 -4.68 18.20
CA LYS B 267 -21.56 -4.18 19.57
C LYS B 267 -22.60 -3.05 19.65
N ILE B 268 -22.57 -2.15 18.66
CA ILE B 268 -23.50 -1.02 18.57
C ILE B 268 -24.97 -1.48 18.47
N VAL B 269 -25.23 -2.41 17.56
CA VAL B 269 -26.59 -2.94 17.35
C VAL B 269 -27.08 -3.67 18.60
N ASN B 270 -26.19 -4.43 19.24
CA ASN B 270 -26.51 -5.15 20.48
C ASN B 270 -26.91 -4.24 21.66
N GLU B 271 -26.40 -3.00 21.68
CA GLU B 271 -26.81 -1.99 22.68
C GLU B 271 -28.30 -1.68 22.58
N THR B 272 -28.79 -1.55 21.36
CA THR B 272 -30.19 -1.20 21.09
C THR B 272 -31.16 -2.36 21.36
N ARG B 273 -30.61 -3.58 21.41
CA ARG B 273 -31.39 -4.80 21.59
C ARG B 273 -31.11 -5.44 22.95
C ACT C . 30.16 -7.20 -13.43
O ACT C . 29.98 -5.99 -13.67
OXT ACT C . 31.22 -7.49 -12.83
CH3 ACT C . 29.17 -8.26 -13.83
C ACT D . -32.00 5.11 10.29
O ACT D . -32.63 6.04 10.84
OXT ACT D . -31.43 4.31 11.06
CH3 ACT D . -31.95 4.96 8.81
#